data_3GIU
#
_entry.id   3GIU
#
_cell.length_a   42.790
_cell.length_b   81.000
_cell.length_c   119.910
_cell.angle_alpha   90.00
_cell.angle_beta   90.00
_cell.angle_gamma   90.00
#
_symmetry.space_group_name_H-M   'P 21 21 21'
#
loop_
_entity.id
_entity.type
_entity.pdbx_description
1 polymer 'Pyrrolidone-carboxylate peptidase'
2 non-polymer 'ZINC ION'
3 non-polymer 'ACETIC ACID'
4 non-polymer 'TETRAETHYLENE GLYCOL'
5 non-polymer GLYCEROL
6 non-polymer DI(HYDROXYETHYL)ETHER
7 water water
#
_entity_poly.entity_id   1
_entity_poly.type   'polypeptide(L)'
_entity_poly.pdbx_seq_one_letter_code
;SNA(MSE)HILVTGFAPFDNQNINPSWEAVTQLEDIIGTHTIDKLKLPTSFKKVDNIINKTLASNHYDVVLAIGQAGGRN
AITPERVAINIDDARIPDNDDFQPIDQAIHLDGAPAYFSNLPVKA(MSE)TQSIINQGLPGALSNSAGTFVCNHTLYHLG
YLQDKHYPHLRFGFIHVPYIPEQVIGKPDTPS(MSE)PLEKIVAGLTAAIEAISNDEDLHLALGTTE
;
_entity_poly.pdbx_strand_id   A,B
#
# COMPACT_ATOMS: atom_id res chain seq x y z
N HIS A 5 -12.57 15.56 -20.88
CA HIS A 5 -13.80 15.42 -20.11
C HIS A 5 -13.56 14.40 -19.00
N ILE A 6 -13.72 14.85 -17.77
CA ILE A 6 -13.37 14.08 -16.60
C ILE A 6 -14.58 13.79 -15.75
N LEU A 7 -14.75 12.51 -15.43
CA LEU A 7 -15.72 12.11 -14.44
C LEU A 7 -15.01 12.09 -13.09
N VAL A 8 -15.48 12.88 -12.13
CA VAL A 8 -14.91 12.93 -10.80
C VAL A 8 -15.99 12.38 -9.86
N THR A 9 -15.62 11.37 -9.07
CA THR A 9 -16.55 10.73 -8.19
C THR A 9 -16.17 10.94 -6.73
N GLY A 10 -17.18 10.94 -5.86
CA GLY A 10 -16.97 10.90 -4.42
C GLY A 10 -17.88 9.84 -3.85
N PHE A 11 -17.62 9.39 -2.63
CA PHE A 11 -18.37 8.36 -1.98
C PHE A 11 -19.36 8.88 -0.93
N ALA A 12 -20.41 8.11 -0.76
CA ALA A 12 -21.41 8.32 0.29
C ALA A 12 -20.79 8.11 1.68
N PRO A 13 -21.39 8.73 2.72
CA PRO A 13 -20.94 8.48 4.09
C PRO A 13 -21.05 7.01 4.44
N PHE A 14 -20.18 6.55 5.31
CA PHE A 14 -20.20 5.17 5.75
C PHE A 14 -19.61 5.07 7.15
N ASP A 15 -19.64 3.86 7.71
CA ASP A 15 -19.09 3.60 9.06
C ASP A 15 -19.65 4.56 10.12
N ASN A 16 -20.96 4.78 10.06
CA ASN A 16 -21.68 5.62 11.03
CA ASN A 16 -21.68 5.62 11.04
C ASN A 16 -21.36 7.12 10.97
N GLN A 17 -20.68 7.55 9.91
CA GLN A 17 -20.43 8.97 9.68
C GLN A 17 -21.63 9.52 8.93
N ASN A 18 -21.94 10.80 9.11
N ASN A 18 -21.86 10.82 9.09
CA ASN A 18 -23.06 11.36 8.37
CA ASN A 18 -22.92 11.52 8.38
C ASN A 18 -22.63 12.24 7.20
C ASN A 18 -22.40 12.18 7.10
N ILE A 19 -21.32 12.21 6.93
N ILE A 19 -21.09 12.43 7.07
CA ILE A 19 -20.69 13.02 5.91
CA ILE A 19 -20.47 13.13 5.98
C ILE A 19 -19.45 12.26 5.39
C ILE A 19 -19.35 12.29 5.41
N ASN A 20 -19.06 12.48 4.13
CA ASN A 20 -17.87 11.87 3.53
C ASN A 20 -17.10 13.00 2.84
N PRO A 21 -15.85 13.27 3.27
CA PRO A 21 -15.14 14.41 2.71
C PRO A 21 -14.87 14.31 1.24
N SER A 22 -14.85 13.10 0.70
CA SER A 22 -14.59 12.95 -0.73
C SER A 22 -15.72 13.60 -1.53
N TRP A 23 -16.96 13.26 -1.20
CA TRP A 23 -18.08 13.86 -1.89
C TRP A 23 -18.18 15.36 -1.55
N GLU A 24 -17.97 15.73 -0.28
CA GLU A 24 -18.07 17.15 0.08
C GLU A 24 -17.09 17.95 -0.78
N ALA A 25 -15.87 17.48 -0.91
CA ALA A 25 -14.87 18.20 -1.72
C ALA A 25 -15.27 18.26 -3.18
N VAL A 26 -15.68 17.12 -3.73
CA VAL A 26 -16.12 17.08 -5.11
C VAL A 26 -17.24 18.07 -5.39
N THR A 27 -18.20 18.19 -4.48
CA THR A 27 -19.29 19.13 -4.71
C THR A 27 -18.80 20.57 -4.93
N GLN A 28 -17.70 20.91 -4.29
CA GLN A 28 -17.17 22.28 -4.31
CA GLN A 28 -17.16 22.29 -4.32
C GLN A 28 -16.19 22.57 -5.43
N LEU A 29 -15.81 21.55 -6.19
CA LEU A 29 -14.95 21.78 -7.34
C LEU A 29 -15.64 22.65 -8.40
N GLU A 30 -14.87 23.51 -9.07
CA GLU A 30 -15.39 24.20 -10.26
C GLU A 30 -15.72 23.21 -11.38
N ASP A 31 -16.69 23.57 -12.21
CA ASP A 31 -17.13 22.70 -13.28
C ASP A 31 -16.17 22.63 -14.46
N ILE A 32 -15.29 23.62 -14.55
CA ILE A 32 -14.21 23.63 -15.53
C ILE A 32 -12.96 23.99 -14.74
N ILE A 33 -11.95 23.11 -14.82
N ILE A 33 -11.91 23.19 -14.89
CA ILE A 33 -10.66 23.26 -14.13
CA ILE A 33 -10.63 23.49 -14.25
C ILE A 33 -9.52 23.03 -15.12
C ILE A 33 -9.63 23.52 -15.40
N GLY A 34 -8.59 23.99 -15.19
N GLY A 34 -9.15 24.71 -15.74
CA GLY A 34 -7.46 23.90 -16.13
CA GLY A 34 -8.31 24.84 -16.91
C GLY A 34 -7.87 23.49 -17.54
C GLY A 34 -9.06 24.30 -18.12
N THR A 35 -9.00 24.05 -17.99
N THR A 35 -8.49 23.34 -18.81
CA THR A 35 -9.56 23.79 -19.32
CA THR A 35 -9.11 22.77 -20.00
C THR A 35 -10.35 22.48 -19.40
C THR A 35 -9.83 21.44 -19.71
N HIS A 36 -10.21 21.64 -18.39
N HIS A 36 -10.10 21.18 -18.45
CA HIS A 36 -10.89 20.36 -18.35
CA HIS A 36 -10.76 19.96 -18.04
C HIS A 36 -12.31 20.45 -17.80
C HIS A 36 -12.21 20.31 -17.73
N THR A 37 -13.25 19.85 -18.51
N THR A 37 -13.15 19.61 -18.37
CA THR A 37 -14.64 19.82 -18.07
CA THR A 37 -14.58 19.79 -18.03
C THR A 37 -14.80 18.73 -17.01
C THR A 37 -14.96 18.66 -17.09
N ILE A 38 -15.59 19.02 -15.98
CA ILE A 38 -15.84 18.11 -14.89
C ILE A 38 -17.31 17.72 -14.78
N ASP A 39 -17.58 16.42 -14.74
CA ASP A 39 -18.88 15.86 -14.36
C ASP A 39 -18.68 15.20 -13.00
N LYS A 40 -19.63 15.38 -12.12
CA LYS A 40 -19.54 14.88 -10.76
C LYS A 40 -20.56 13.77 -10.53
N LEU A 41 -20.15 12.74 -9.83
CA LEU A 41 -21.01 11.61 -9.53
C LEU A 41 -20.74 11.09 -8.13
N LYS A 42 -21.82 10.94 -7.36
CA LYS A 42 -21.76 10.36 -6.02
C LYS A 42 -22.00 8.87 -6.12
N LEU A 43 -21.02 8.10 -5.69
CA LEU A 43 -21.08 6.66 -5.65
C LEU A 43 -21.49 6.15 -4.27
N PRO A 44 -22.32 5.10 -4.25
CA PRO A 44 -22.61 4.45 -2.98
C PRO A 44 -21.34 3.78 -2.45
N THR A 45 -21.24 3.68 -1.13
CA THR A 45 -20.11 2.99 -0.54
C THR A 45 -20.55 1.52 -0.44
N SER A 46 -20.49 0.86 -1.58
CA SER A 46 -21.10 -0.46 -1.81
C SER A 46 -20.25 -1.26 -2.79
N PHE A 47 -19.68 -2.37 -2.32
CA PHE A 47 -18.89 -3.22 -3.20
C PHE A 47 -19.69 -3.75 -4.38
N LYS A 48 -20.95 -4.11 -4.16
CA LYS A 48 -21.71 -4.76 -5.24
CA LYS A 48 -21.73 -4.76 -5.21
C LYS A 48 -22.28 -3.81 -6.26
N LYS A 49 -22.47 -2.55 -5.88
CA LYS A 49 -23.08 -1.58 -6.78
C LYS A 49 -22.12 -0.74 -7.60
N VAL A 50 -20.95 -0.46 -7.05
CA VAL A 50 -20.05 0.50 -7.70
CA VAL A 50 -20.08 0.52 -7.70
C VAL A 50 -19.64 0.14 -9.12
N ASP A 51 -19.31 -1.12 -9.37
CA ASP A 51 -18.80 -1.46 -10.71
C ASP A 51 -19.84 -1.27 -11.78
N ASN A 52 -21.07 -1.67 -11.47
N ASN A 52 -21.07 -1.68 -11.48
CA ASN A 52 -22.17 -1.53 -12.41
CA ASN A 52 -22.19 -1.53 -12.39
C ASN A 52 -22.46 -0.05 -12.69
C ASN A 52 -22.50 -0.06 -12.67
N ILE A 53 -22.42 0.79 -11.65
CA ILE A 53 -22.65 2.23 -11.85
C ILE A 53 -21.56 2.78 -12.79
N ILE A 54 -20.30 2.45 -12.52
CA ILE A 54 -19.22 2.89 -13.40
CA ILE A 54 -19.21 2.87 -13.40
C ILE A 54 -19.41 2.38 -14.83
N ASN A 55 -19.73 1.10 -14.98
CA ASN A 55 -19.93 0.53 -16.30
C ASN A 55 -21.00 1.29 -17.09
N LYS A 56 -22.13 1.49 -16.44
CA LYS A 56 -23.23 2.16 -17.11
C LYS A 56 -22.94 3.62 -17.44
N THR A 57 -22.21 4.28 -16.55
CA THR A 57 -21.86 5.67 -16.77
C THR A 57 -20.93 5.80 -17.97
N LEU A 58 -19.93 4.93 -18.08
CA LEU A 58 -19.01 5.00 -19.23
C LEU A 58 -19.71 4.64 -20.53
N ALA A 59 -20.73 3.79 -20.43
CA ALA A 59 -21.50 3.37 -21.60
C ALA A 59 -22.41 4.47 -22.12
N SER A 60 -22.79 5.41 -21.26
CA SER A 60 -23.75 6.45 -21.65
CA SER A 60 -23.75 6.46 -21.61
C SER A 60 -23.11 7.80 -21.94
N ASN A 61 -21.83 7.94 -21.61
CA ASN A 61 -21.11 9.19 -21.73
C ASN A 61 -19.69 8.94 -22.11
N HIS A 62 -19.09 9.87 -22.87
CA HIS A 62 -17.68 9.74 -23.19
C HIS A 62 -16.81 10.51 -22.21
N TYR A 63 -16.03 9.75 -21.47
CA TYR A 63 -15.05 10.34 -20.56
C TYR A 63 -13.65 10.00 -20.99
N ASP A 64 -12.78 11.00 -20.95
CA ASP A 64 -11.36 10.77 -21.19
C ASP A 64 -10.66 10.27 -19.93
N VAL A 65 -11.19 10.68 -18.77
CA VAL A 65 -10.60 10.38 -17.49
C VAL A 65 -11.69 10.08 -16.48
N VAL A 66 -11.45 9.09 -15.63
CA VAL A 66 -12.25 8.88 -14.41
C VAL A 66 -11.30 9.04 -13.22
N LEU A 67 -11.63 9.99 -12.36
CA LEU A 67 -10.85 10.30 -11.17
C LEU A 67 -11.75 10.13 -9.96
N ALA A 68 -11.49 9.07 -9.19
CA ALA A 68 -12.33 8.75 -8.03
C ALA A 68 -11.68 9.28 -6.77
N ILE A 69 -12.48 9.92 -5.91
CA ILE A 69 -12.01 10.48 -4.64
C ILE A 69 -12.63 9.67 -3.50
N GLY A 70 -11.87 9.46 -2.44
CA GLY A 70 -12.35 8.77 -1.26
C GLY A 70 -11.77 9.26 0.02
N GLN A 71 -12.48 9.00 1.10
CA GLN A 71 -12.02 9.28 2.46
C GLN A 71 -11.00 8.24 2.90
N ALA A 72 -9.87 8.71 3.43
CA ALA A 72 -8.87 7.86 4.10
C ALA A 72 -8.75 8.37 5.52
N GLY A 73 -9.69 7.95 6.36
CA GLY A 73 -9.70 8.39 7.73
C GLY A 73 -8.42 8.00 8.43
N GLY A 74 -7.75 8.98 9.02
CA GLY A 74 -6.47 8.74 9.69
C GLY A 74 -5.28 9.26 8.91
N ARG A 75 -5.41 9.47 7.60
CA ARG A 75 -4.31 10.03 6.84
C ARG A 75 -4.26 11.53 7.10
N ASN A 76 -3.06 12.08 6.94
CA ASN A 76 -2.81 13.49 7.17
C ASN A 76 -2.37 14.25 5.94
N ALA A 77 -2.57 13.66 4.78
CA ALA A 77 -2.22 14.28 3.51
C ALA A 77 -3.26 13.91 2.46
N ILE A 78 -3.28 14.69 1.38
CA ILE A 78 -4.04 14.37 0.19
C ILE A 78 -3.14 13.43 -0.61
N THR A 79 -3.65 12.25 -0.99
CA THR A 79 -2.78 11.26 -1.58
C THR A 79 -3.32 10.58 -2.83
N PRO A 80 -2.83 11.01 -4.01
CA PRO A 80 -3.04 10.19 -5.21
C PRO A 80 -2.54 8.77 -4.97
N GLU A 81 -3.19 7.81 -5.61
CA GLU A 81 -2.86 6.40 -5.44
C GLU A 81 -2.11 5.85 -6.65
N ARG A 82 -1.02 5.17 -6.41
CA ARG A 82 -0.26 4.55 -7.48
C ARG A 82 -0.91 3.31 -8.07
N VAL A 83 -1.50 2.47 -7.21
CA VAL A 83 -1.85 1.13 -7.62
C VAL A 83 -3.05 0.59 -6.85
N ALA A 84 -3.79 -0.29 -7.54
CA ALA A 84 -4.87 -1.05 -6.90
C ALA A 84 -4.54 -2.53 -7.03
N ILE A 85 -4.99 -3.30 -6.05
CA ILE A 85 -4.73 -4.71 -5.90
CA ILE A 85 -4.73 -4.72 -6.00
C ILE A 85 -6.03 -5.52 -6.08
N ASN A 86 -5.91 -6.72 -6.64
CA ASN A 86 -7.06 -7.58 -6.95
C ASN A 86 -7.60 -8.35 -5.76
N ILE A 87 -7.97 -7.63 -4.70
CA ILE A 87 -8.57 -8.25 -3.53
C ILE A 87 -9.45 -7.25 -2.79
N ASP A 88 -10.57 -7.78 -2.31
CA ASP A 88 -11.44 -7.10 -1.36
C ASP A 88 -11.20 -7.75 -0.01
N ASP A 89 -10.97 -6.93 0.99
CA ASP A 89 -10.78 -7.42 2.35
C ASP A 89 -11.31 -6.36 3.31
N ALA A 90 -12.62 -6.46 3.55
CA ALA A 90 -13.33 -5.43 4.26
C ALA A 90 -13.21 -5.57 5.77
N ARG A 91 -12.73 -4.52 6.45
CA ARG A 91 -12.59 -4.51 7.90
C ARG A 91 -13.93 -4.39 8.58
N ILE A 92 -14.86 -3.73 7.89
CA ILE A 92 -16.24 -3.48 8.31
C ILE A 92 -17.14 -3.76 7.13
N PRO A 93 -18.43 -3.95 7.38
CA PRO A 93 -19.34 -4.05 6.25
C PRO A 93 -19.50 -2.72 5.49
N ASP A 94 -19.86 -2.81 4.22
CA ASP A 94 -20.21 -1.63 3.47
C ASP A 94 -21.64 -1.19 3.79
N ASN A 95 -22.15 -0.21 3.05
CA ASN A 95 -23.48 0.33 3.36
C ASN A 95 -24.64 -0.61 3.04
N ASP A 96 -24.36 -1.68 2.31
CA ASP A 96 -25.32 -2.76 2.05
C ASP A 96 -25.16 -3.92 3.06
N ASP A 97 -24.33 -3.71 4.08
CA ASP A 97 -24.02 -4.72 5.12
C ASP A 97 -23.33 -5.95 4.53
N PHE A 98 -22.53 -5.74 3.47
CA PHE A 98 -21.75 -6.76 2.79
C PHE A 98 -20.28 -6.56 3.18
N GLN A 99 -19.65 -7.64 3.61
CA GLN A 99 -18.27 -7.59 4.11
C GLN A 99 -17.40 -8.68 3.44
N PRO A 100 -16.97 -8.43 2.20
CA PRO A 100 -16.14 -9.44 1.53
C PRO A 100 -14.76 -9.49 2.17
N ILE A 101 -14.32 -10.72 2.50
CA ILE A 101 -13.02 -10.92 3.13
C ILE A 101 -12.20 -11.86 2.28
N ASP A 102 -11.06 -11.37 1.80
CA ASP A 102 -10.11 -12.15 1.02
C ASP A 102 -10.71 -12.71 -0.23
N GLN A 103 -11.41 -11.84 -0.95
CA GLN A 103 -12.09 -12.18 -2.21
CA GLN A 103 -11.98 -12.27 -2.23
C GLN A 103 -11.41 -11.50 -3.40
N ALA A 104 -11.05 -12.24 -4.44
CA ALA A 104 -10.56 -11.60 -5.66
C ALA A 104 -11.64 -10.70 -6.21
N ILE A 105 -11.25 -9.61 -6.86
CA ILE A 105 -12.23 -8.69 -7.47
C ILE A 105 -12.64 -9.19 -8.88
N HIS A 106 -11.65 -9.45 -9.73
CA HIS A 106 -11.91 -10.03 -11.04
C HIS A 106 -10.95 -11.18 -11.24
N LEU A 107 -11.47 -12.40 -11.29
CA LEU A 107 -10.58 -13.56 -11.41
C LEU A 107 -9.76 -13.57 -12.70
N ASP A 108 -10.28 -12.94 -13.76
CA ASP A 108 -9.56 -12.81 -15.03
C ASP A 108 -8.75 -11.52 -15.15
N GLY A 109 -8.64 -10.76 -14.07
CA GLY A 109 -7.88 -9.53 -14.10
C GLY A 109 -6.46 -9.73 -13.60
N ALA A 110 -5.65 -8.71 -13.80
CA ALA A 110 -4.27 -8.68 -13.31
C ALA A 110 -4.24 -8.64 -11.79
N PRO A 111 -3.13 -9.09 -11.18
CA PRO A 111 -3.07 -9.02 -9.72
C PRO A 111 -3.06 -7.59 -9.18
N ALA A 112 -2.60 -6.66 -10.00
CA ALA A 112 -2.63 -5.25 -9.67
C ALA A 112 -2.70 -4.44 -10.94
N TYR A 113 -3.25 -3.23 -10.84
CA TYR A 113 -3.24 -2.25 -11.93
C TYR A 113 -2.66 -0.96 -11.38
N PHE A 114 -1.72 -0.41 -12.13
CA PHE A 114 -1.18 0.90 -11.85
C PHE A 114 -2.03 1.97 -12.52
N SER A 115 -2.33 3.03 -11.77
CA SER A 115 -2.98 4.20 -12.35
C SER A 115 -2.14 4.72 -13.53
N ASN A 116 -2.82 5.13 -14.59
CA ASN A 116 -2.15 5.71 -15.75
C ASN A 116 -2.34 7.20 -15.86
N LEU A 117 -2.77 7.84 -14.78
CA LEU A 117 -2.71 9.28 -14.65
C LEU A 117 -1.31 9.67 -14.16
N PRO A 118 -0.93 10.93 -14.33
CA PRO A 118 0.40 11.36 -13.90
C PRO A 118 0.39 11.62 -12.40
N VAL A 119 0.46 10.54 -11.64
CA VAL A 119 0.25 10.58 -10.19
C VAL A 119 1.29 11.41 -9.44
N LYS A 120 2.52 11.40 -9.91
CA LYS A 120 3.54 12.25 -9.33
C LYS A 120 3.35 13.71 -9.66
N ALA A 121 2.96 14.03 -10.88
CA ALA A 121 2.65 15.41 -11.21
C ALA A 121 1.51 15.91 -10.33
N THR A 123 0.60 14.73 -7.33
CA THR A 123 1.10 14.84 -5.96
C THR A 123 1.90 16.14 -5.79
N GLN A 124 2.81 16.38 -6.71
CA GLN A 124 3.66 17.57 -6.60
C GLN A 124 2.84 18.85 -6.75
N SER A 125 1.78 18.80 -7.54
CA SER A 125 0.92 19.97 -7.72
CA SER A 125 0.92 19.97 -7.75
CA SER A 125 0.90 19.96 -7.74
C SER A 125 0.26 20.37 -6.41
N ILE A 126 -0.11 19.37 -5.62
CA ILE A 126 -0.67 19.60 -4.27
C ILE A 126 0.42 20.24 -3.38
N ILE A 127 1.61 19.64 -3.37
CA ILE A 127 2.73 20.13 -2.60
C ILE A 127 3.08 21.56 -3.03
N ASN A 128 3.04 21.86 -4.32
CA ASN A 128 3.37 23.20 -4.82
C ASN A 128 2.42 24.28 -4.28
N GLN A 129 1.21 23.90 -3.87
CA GLN A 129 0.24 24.83 -3.28
C GLN A 129 0.47 24.99 -1.79
N GLY A 130 1.49 24.35 -1.25
CA GLY A 130 1.77 24.39 0.19
C GLY A 130 0.91 23.48 1.04
N LEU A 131 0.32 22.47 0.42
CA LEU A 131 -0.57 21.52 1.08
C LEU A 131 0.12 20.18 1.28
N PRO A 132 -0.24 19.46 2.36
CA PRO A 132 0.34 18.14 2.56
C PRO A 132 -0.13 17.18 1.48
N GLY A 133 0.83 16.65 0.71
CA GLY A 133 0.54 15.74 -0.38
C GLY A 133 1.57 14.63 -0.39
N ALA A 134 1.14 13.43 -0.76
CA ALA A 134 2.05 12.30 -0.88
C ALA A 134 1.49 11.30 -1.85
N LEU A 135 2.37 10.53 -2.46
CA LEU A 135 1.96 9.46 -3.36
C LEU A 135 1.80 8.19 -2.54
N SER A 136 0.57 7.72 -2.42
CA SER A 136 0.28 6.49 -1.68
C SER A 136 0.44 5.26 -2.61
N ASN A 137 0.95 4.19 -2.02
CA ASN A 137 1.20 2.92 -2.69
C ASN A 137 0.24 1.82 -2.27
N SER A 138 -0.73 2.16 -1.44
CA SER A 138 -1.87 1.30 -1.16
C SER A 138 -3.13 2.10 -0.99
N ALA A 139 -4.15 1.73 -1.77
CA ALA A 139 -5.45 2.33 -1.69
C ALA A 139 -6.35 1.59 -0.70
N GLY A 140 -5.78 0.70 0.10
CA GLY A 140 -6.54 -0.10 1.04
C GLY A 140 -7.13 -1.35 0.41
N THR A 141 -8.08 -1.95 1.10
CA THR A 141 -8.75 -3.16 0.63
C THR A 141 -10.26 -3.07 0.80
N PHE A 142 -10.77 -1.85 0.77
CA PHE A 142 -12.18 -1.56 0.92
C PHE A 142 -12.73 -1.07 -0.43
N VAL A 143 -13.81 -0.29 -0.40
CA VAL A 143 -14.49 0.09 -1.62
C VAL A 143 -13.63 0.98 -2.53
N CYS A 144 -12.77 1.79 -1.95
N CYS A 144 -12.75 1.78 -1.95
CA CYS A 144 -11.92 2.67 -2.76
CA CYS A 144 -11.90 2.65 -2.76
C CYS A 144 -10.89 1.92 -3.62
C CYS A 144 -10.95 1.85 -3.65
N ASN A 145 -10.23 0.91 -3.04
CA ASN A 145 -9.33 0.06 -3.83
C ASN A 145 -10.12 -0.71 -4.87
N HIS A 146 -11.30 -1.18 -4.49
CA HIS A 146 -12.13 -1.94 -5.40
C HIS A 146 -12.43 -1.11 -6.65
N THR A 147 -12.79 0.15 -6.40
CA THR A 147 -13.13 1.07 -7.49
C THR A 147 -11.94 1.36 -8.42
N LEU A 148 -10.79 1.66 -7.82
CA LEU A 148 -9.58 1.89 -8.61
C LEU A 148 -9.22 0.63 -9.38
N TYR A 149 -9.32 -0.52 -8.73
CA TYR A 149 -9.05 -1.78 -9.42
C TYR A 149 -9.96 -1.99 -10.62
N HIS A 150 -11.26 -1.79 -10.40
CA HIS A 150 -12.22 -1.98 -11.46
C HIS A 150 -11.94 -1.03 -12.64
N LEU A 151 -11.58 0.22 -12.35
CA LEU A 151 -11.20 1.13 -13.42
C LEU A 151 -9.99 0.61 -14.20
N GLY A 152 -9.00 0.08 -13.50
CA GLY A 152 -7.84 -0.49 -14.17
C GLY A 152 -8.22 -1.69 -15.02
N TYR A 153 -9.13 -2.52 -14.51
CA TYR A 153 -9.61 -3.68 -15.26
C TYR A 153 -10.34 -3.25 -16.53
N LEU A 154 -11.18 -2.22 -16.42
CA LEU A 154 -11.87 -1.70 -17.59
C LEU A 154 -10.89 -1.16 -18.63
N GLN A 155 -9.87 -0.44 -18.19
CA GLN A 155 -8.89 0.09 -19.15
C GLN A 155 -8.13 -1.03 -19.82
N ASP A 156 -7.83 -2.08 -19.07
CA ASP A 156 -7.13 -3.25 -19.62
C ASP A 156 -7.97 -4.00 -20.64
N LYS A 157 -9.24 -4.23 -20.31
CA LYS A 157 -10.07 -5.12 -21.12
C LYS A 157 -10.98 -4.46 -22.13
N HIS A 158 -11.43 -3.23 -21.88
CA HIS A 158 -12.51 -2.65 -22.67
C HIS A 158 -12.34 -1.22 -23.15
N TYR A 159 -11.59 -0.40 -22.42
CA TYR A 159 -11.43 1.04 -22.66
C TYR A 159 -9.96 1.43 -22.72
N PRO A 160 -9.26 1.05 -23.77
CA PRO A 160 -7.81 1.21 -23.83
C PRO A 160 -7.29 2.61 -23.67
N HIS A 161 -8.01 3.62 -24.11
CA HIS A 161 -7.47 4.97 -23.96
C HIS A 161 -7.85 5.66 -22.64
N LEU A 162 -8.66 4.99 -21.81
CA LEU A 162 -9.13 5.64 -20.61
C LEU A 162 -7.99 5.91 -19.64
N ARG A 163 -7.95 7.13 -19.12
CA ARG A 163 -7.05 7.44 -18.02
C ARG A 163 -7.85 7.41 -16.74
N PHE A 164 -7.26 6.84 -15.70
CA PHE A 164 -7.98 6.58 -14.47
C PHE A 164 -7.07 6.70 -13.26
N GLY A 165 -7.66 7.10 -12.14
CA GLY A 165 -6.92 7.20 -10.91
C GLY A 165 -7.81 7.39 -9.72
N PHE A 166 -7.17 7.53 -8.58
CA PHE A 166 -7.84 7.66 -7.31
C PHE A 166 -7.06 8.61 -6.42
N ILE A 167 -7.74 9.49 -5.68
CA ILE A 167 -7.12 10.33 -4.69
C ILE A 167 -7.86 10.14 -3.37
N HIS A 168 -7.13 9.71 -2.35
CA HIS A 168 -7.67 9.71 -1.00
C HIS A 168 -7.45 11.06 -0.33
N VAL A 169 -8.39 11.42 0.54
CA VAL A 169 -8.34 12.66 1.31
C VAL A 169 -8.58 12.37 2.79
N PRO A 170 -8.04 13.22 3.68
CA PRO A 170 -8.26 13.02 5.10
C PRO A 170 -9.71 13.25 5.52
N TYR A 171 -10.03 12.87 6.74
CA TYR A 171 -11.20 13.37 7.41
C TYR A 171 -11.22 14.89 7.38
N ILE A 172 -12.42 15.46 7.34
CA ILE A 172 -12.61 16.88 7.57
C ILE A 172 -12.91 17.05 9.07
N PRO A 173 -12.68 18.25 9.60
CA PRO A 173 -12.61 18.41 11.06
C PRO A 173 -13.78 17.91 11.86
N GLU A 174 -14.97 18.11 11.34
CA GLU A 174 -16.17 17.71 12.08
CA GLU A 174 -16.18 17.72 12.07
C GLU A 174 -16.25 16.20 12.31
N GLN A 175 -15.52 15.44 11.50
CA GLN A 175 -15.56 13.98 11.62
C GLN A 175 -14.76 13.36 12.76
N VAL A 176 -13.89 14.13 13.42
CA VAL A 176 -12.97 13.56 14.42
C VAL A 176 -13.30 13.90 15.87
N ILE A 177 -14.53 14.31 16.12
CA ILE A 177 -14.95 14.50 17.52
C ILE A 177 -15.08 13.10 18.13
N GLY A 178 -14.40 12.87 19.26
CA GLY A 178 -14.41 11.55 19.90
C GLY A 178 -13.39 10.57 19.34
N LYS A 179 -12.52 11.07 18.46
CA LYS A 179 -11.42 10.27 17.90
C LYS A 179 -10.12 10.97 18.29
N PRO A 180 -9.60 10.64 19.49
CA PRO A 180 -8.41 11.34 19.97
C PRO A 180 -7.23 11.16 19.04
N ASP A 181 -6.43 12.22 18.91
CA ASP A 181 -5.21 12.19 18.09
C ASP A 181 -5.44 11.76 16.63
N THR A 182 -6.63 12.03 16.08
CA THR A 182 -6.91 11.68 14.70
C THR A 182 -6.76 12.91 13.85
N PRO A 183 -5.92 12.83 12.78
CA PRO A 183 -5.75 13.97 11.90
C PRO A 183 -6.98 14.30 11.07
N SER A 184 -7.09 15.55 10.70
CA SER A 184 -8.11 16.03 9.79
C SER A 184 -7.56 17.19 9.02
N PRO A 186 -9.07 20.90 6.93
CA PRO A 186 -10.20 21.72 6.52
C PRO A 186 -10.63 21.40 5.09
N LEU A 187 -11.94 21.38 4.88
CA LEU A 187 -12.49 21.09 3.56
C LEU A 187 -11.95 22.01 2.46
N GLU A 188 -11.77 23.29 2.78
CA GLU A 188 -11.29 24.23 1.77
C GLU A 188 -9.90 23.82 1.24
N LYS A 189 -9.05 23.32 2.13
N LYS A 189 -9.05 23.30 2.12
CA LYS A 189 -7.73 22.81 1.74
CA LYS A 189 -7.73 22.84 1.72
C LYS A 189 -7.83 21.60 0.83
C LYS A 189 -7.78 21.57 0.87
N ILE A 190 -8.73 20.69 1.17
CA ILE A 190 -8.92 19.49 0.37
C ILE A 190 -9.35 19.92 -1.03
N VAL A 191 -10.31 20.84 -1.11
CA VAL A 191 -10.79 21.30 -2.42
C VAL A 191 -9.65 21.92 -3.23
N ALA A 192 -8.83 22.74 -2.57
CA ALA A 192 -7.69 23.38 -3.23
C ALA A 192 -6.72 22.33 -3.74
N GLY A 193 -6.45 21.30 -2.94
CA GLY A 193 -5.54 20.24 -3.36
C GLY A 193 -6.07 19.43 -4.52
N LEU A 194 -7.34 19.04 -4.44
CA LEU A 194 -7.95 18.33 -5.57
C LEU A 194 -7.93 19.15 -6.87
N THR A 195 -8.18 20.45 -6.75
CA THR A 195 -8.14 21.35 -7.90
C THR A 195 -6.75 21.35 -8.53
N ALA A 196 -5.72 21.46 -7.68
CA ALA A 196 -4.34 21.43 -8.17
C ALA A 196 -4.03 20.10 -8.86
N ALA A 197 -4.46 19.00 -8.27
CA ALA A 197 -4.22 17.69 -8.86
C ALA A 197 -4.88 17.56 -10.24
N ILE A 198 -6.11 18.04 -10.36
CA ILE A 198 -6.84 17.97 -11.63
C ILE A 198 -6.16 18.82 -12.69
N GLU A 199 -5.68 19.99 -12.30
CA GLU A 199 -4.98 20.88 -13.21
CA GLU A 199 -5.03 20.86 -13.25
C GLU A 199 -3.78 20.18 -13.85
N ALA A 200 -3.14 19.29 -13.08
CA ALA A 200 -1.95 18.58 -13.54
C ALA A 200 -2.25 17.37 -14.41
N ILE A 201 -3.51 17.00 -14.58
CA ILE A 201 -3.90 15.89 -15.45
C ILE A 201 -3.75 16.21 -16.94
N SER A 202 -3.09 15.31 -17.63
CA SER A 202 -2.88 15.34 -19.04
C SER A 202 -2.60 13.92 -19.56
N ASN A 203 -2.34 13.86 -20.86
CA ASN A 203 -1.89 12.63 -21.52
C ASN A 203 -0.37 12.53 -21.64
N ASP A 204 0.36 13.44 -20.99
CA ASP A 204 1.80 13.46 -21.08
C ASP A 204 2.39 12.53 -20.02
N GLU A 205 3.67 12.20 -20.19
CA GLU A 205 4.36 11.32 -19.27
C GLU A 205 4.38 11.93 -17.88
N ASP A 206 4.28 11.09 -16.87
CA ASP A 206 4.37 11.55 -15.48
C ASP A 206 5.79 12.05 -15.19
N LEU A 207 5.88 12.85 -14.13
N LEU A 207 5.90 12.93 -14.21
CA LEU A 207 7.15 13.36 -13.59
CA LEU A 207 7.21 13.29 -13.78
C LEU A 207 7.82 12.37 -12.64
C LEU A 207 7.73 12.08 -13.00
N HIS A 208 9.05 12.02 -12.93
CA HIS A 208 9.76 11.01 -12.19
C HIS A 208 10.55 11.61 -11.03
N LEU A 209 9.80 12.27 -10.16
CA LEU A 209 10.32 12.94 -8.98
C LEU A 209 10.54 11.92 -7.87
N ALA A 210 11.32 12.34 -6.88
CA ALA A 210 11.66 11.49 -5.75
C ALA A 210 10.53 11.49 -4.70
N LEU A 211 9.42 10.87 -5.09
CA LEU A 211 8.20 10.80 -4.29
C LEU A 211 7.89 9.38 -3.82
N GLY A 212 8.86 8.49 -3.94
CA GLY A 212 8.70 7.13 -3.47
C GLY A 212 8.68 7.08 -1.96
N THR A 213 8.28 5.93 -1.42
N THR A 213 8.56 5.86 -1.42
CA THR A 213 8.21 5.80 0.03
CA THR A 213 8.52 5.64 0.03
C THR A 213 9.40 4.99 0.46
C THR A 213 9.30 4.40 0.50
N THR A 214 10.25 5.61 1.25
N THR A 214 9.90 4.54 1.68
CA THR A 214 11.45 4.94 1.75
CA THR A 214 10.68 3.46 2.26
C THR A 214 11.64 4.93 3.26
C THR A 214 9.79 2.59 3.14
N GLU A 215 11.01 3.91 3.83
N GLU A 215 8.54 3.01 3.27
CA GLU A 215 11.09 3.45 5.19
CA GLU A 215 7.53 2.24 3.99
C GLU A 215 12.29 3.85 6.09
C GLU A 215 6.15 2.79 3.67
N ALA B 3 9.43 -30.58 10.08
CA ALA B 3 10.67 -29.76 10.32
C ALA B 3 10.90 -28.67 9.26
N HIS B 5 12.31 -25.49 7.40
CA HIS B 5 13.53 -24.70 7.37
C HIS B 5 13.19 -23.31 6.87
N ILE B 6 13.41 -22.32 7.72
CA ILE B 6 13.12 -20.92 7.42
C ILE B 6 14.39 -20.11 7.37
N LEU B 7 14.56 -19.37 6.29
CA LEU B 7 15.61 -18.37 6.18
C LEU B 7 14.96 -17.05 6.55
N VAL B 8 15.49 -16.43 7.59
CA VAL B 8 15.01 -15.12 8.06
C VAL B 8 16.13 -14.11 7.81
N THR B 9 15.79 -13.02 7.15
CA THR B 9 16.76 -12.01 6.78
C THR B 9 16.46 -10.69 7.45
N GLY B 10 17.52 -9.92 7.71
CA GLY B 10 17.37 -8.55 8.11
C GLY B 10 18.30 -7.68 7.31
N PHE B 11 18.10 -6.37 7.36
CA PHE B 11 18.88 -5.42 6.56
C PHE B 11 19.90 -4.65 7.35
N ALA B 12 20.90 -4.17 6.59
CA ALA B 12 21.93 -3.26 7.08
C ALA B 12 21.37 -1.89 7.38
N PRO B 13 22.06 -1.13 8.25
CA PRO B 13 21.62 0.23 8.53
C PRO B 13 21.72 1.08 7.27
N PHE B 14 20.85 2.08 7.19
CA PHE B 14 20.83 2.95 6.03
C PHE B 14 20.27 4.32 6.43
N ASP B 15 20.36 5.28 5.52
CA ASP B 15 19.80 6.61 5.72
C ASP B 15 20.38 7.27 6.98
N ASN B 16 21.69 7.14 7.18
CA ASN B 16 22.41 7.74 8.34
C ASN B 16 22.10 7.16 9.72
N GLN B 17 21.45 6.00 9.75
CA GLN B 17 21.22 5.29 10.99
C GLN B 17 22.43 4.41 11.25
N ASN B 18 22.73 4.19 12.52
CA ASN B 18 23.83 3.32 12.93
CA ASN B 18 23.85 3.32 12.91
C ASN B 18 23.41 1.86 13.12
N ILE B 19 22.11 1.65 13.33
CA ILE B 19 21.55 0.29 13.47
C ILE B 19 20.30 0.17 12.61
N ASN B 20 19.93 -1.06 12.34
CA ASN B 20 18.68 -1.37 11.68
C ASN B 20 18.00 -2.40 12.57
N PRO B 21 16.81 -2.08 13.09
CA PRO B 21 16.14 -2.98 14.01
C PRO B 21 15.74 -4.30 13.40
N SER B 22 15.61 -4.36 12.08
CA SER B 22 15.30 -5.63 11.48
C SER B 22 16.41 -6.65 11.73
N TRP B 23 17.65 -6.27 11.47
CA TRP B 23 18.76 -7.20 11.74
C TRP B 23 18.95 -7.38 13.24
N GLU B 24 18.86 -6.31 14.02
CA GLU B 24 19.06 -6.46 15.47
C GLU B 24 18.07 -7.48 16.03
N ALA B 25 16.82 -7.43 15.58
CA ALA B 25 15.83 -8.38 16.05
C ALA B 25 16.11 -9.78 15.55
N VAL B 26 16.43 -9.93 14.27
CA VAL B 26 16.70 -11.25 13.70
C VAL B 26 17.83 -11.94 14.43
N THR B 27 18.90 -11.21 14.77
CA THR B 27 20.04 -11.78 15.53
CA THR B 27 20.01 -11.86 15.43
C THR B 27 19.63 -12.38 16.85
N GLN B 28 18.59 -11.80 17.46
CA GLN B 28 18.12 -12.24 18.76
CA GLN B 28 18.11 -12.21 18.77
C GLN B 28 17.11 -13.37 18.72
N LEU B 29 16.61 -13.72 17.53
CA LEU B 29 15.68 -14.85 17.42
C LEU B 29 16.34 -16.15 17.84
N GLU B 30 15.55 -17.01 18.45
CA GLU B 30 16.01 -18.37 18.73
C GLU B 30 16.24 -19.12 17.42
N ASP B 31 17.11 -20.13 17.47
CA ASP B 31 17.46 -20.93 16.33
C ASP B 31 16.40 -21.96 15.99
N ILE B 32 15.47 -22.21 16.92
CA ILE B 32 14.28 -23.06 16.74
CA ILE B 32 14.33 -23.06 16.69
C ILE B 32 13.12 -22.29 17.30
N ILE B 33 12.06 -22.15 16.50
CA ILE B 33 10.86 -21.45 16.96
C ILE B 33 9.74 -22.38 16.55
N GLY B 34 9.07 -22.96 17.54
CA GLY B 34 8.18 -24.09 17.35
C GLY B 34 8.93 -25.25 16.69
N THR B 35 8.37 -25.76 15.62
CA THR B 35 9.01 -26.80 14.85
C THR B 35 9.72 -26.17 13.65
N HIS B 36 10.09 -24.90 13.76
CA HIS B 36 10.70 -24.24 12.63
C HIS B 36 12.18 -24.04 12.95
N THR B 37 13.04 -24.53 12.07
CA THR B 37 14.47 -24.27 12.20
CA THR B 37 14.46 -24.30 12.17
C THR B 37 14.78 -22.97 11.48
N ILE B 38 15.53 -22.12 12.15
CA ILE B 38 15.80 -20.76 11.70
C ILE B 38 17.25 -20.53 11.32
N ASP B 39 17.45 -20.10 10.09
CA ASP B 39 18.75 -19.60 9.65
CA ASP B 39 18.75 -19.61 9.60
C ASP B 39 18.61 -18.10 9.45
N LYS B 40 19.68 -17.38 9.75
CA LYS B 40 19.70 -15.94 9.69
C LYS B 40 20.69 -15.45 8.67
N LEU B 41 20.29 -14.41 7.94
CA LEU B 41 21.15 -13.80 6.93
C LEU B 41 20.95 -12.29 6.90
N LYS B 42 22.05 -11.55 7.03
CA LYS B 42 22.03 -10.12 6.92
C LYS B 42 22.21 -9.74 5.45
N LEU B 43 21.27 -8.95 4.94
CA LEU B 43 21.30 -8.46 3.57
C LEU B 43 21.76 -7.00 3.55
N PRO B 44 22.56 -6.63 2.53
CA PRO B 44 22.87 -5.22 2.35
C PRO B 44 21.63 -4.45 1.91
N THR B 45 21.57 -3.18 2.28
CA THR B 45 20.47 -2.33 1.85
C THR B 45 20.84 -1.78 0.47
N SER B 46 20.68 -2.65 -0.52
CA SER B 46 21.20 -2.47 -1.87
C SER B 46 20.29 -3.11 -2.88
N PHE B 47 19.72 -2.31 -3.77
CA PHE B 47 18.83 -2.87 -4.80
C PHE B 47 19.54 -3.88 -5.68
N LYS B 48 20.78 -3.59 -6.05
CA LYS B 48 21.50 -4.44 -6.98
CA LYS B 48 21.50 -4.44 -6.98
C LYS B 48 22.08 -5.70 -6.39
N LYS B 49 22.45 -5.67 -5.11
CA LYS B 49 23.08 -6.81 -4.49
C LYS B 49 22.11 -7.85 -3.95
N VAL B 50 20.94 -7.40 -3.51
CA VAL B 50 20.04 -8.33 -2.81
C VAL B 50 19.57 -9.48 -3.68
N ASP B 51 19.22 -9.23 -4.94
CA ASP B 51 18.70 -10.32 -5.75
C ASP B 51 19.73 -11.41 -5.97
N ASN B 52 20.96 -11.01 -6.23
CA ASN B 52 22.05 -11.98 -6.44
CA ASN B 52 22.02 -11.99 -6.44
C ASN B 52 22.31 -12.79 -5.17
N ILE B 53 22.31 -12.13 -4.01
CA ILE B 53 22.54 -12.85 -2.76
C ILE B 53 21.43 -13.86 -2.55
N ILE B 54 20.18 -13.44 -2.75
CA ILE B 54 19.07 -14.34 -2.57
CA ILE B 54 19.04 -14.32 -2.61
C ILE B 54 19.14 -15.48 -3.59
N ASN B 55 19.43 -15.17 -4.84
CA ASN B 55 19.54 -16.20 -5.86
C ASN B 55 20.54 -17.29 -5.49
N LYS B 56 21.72 -16.85 -5.09
CA LYS B 56 22.82 -17.77 -4.76
C LYS B 56 22.48 -18.59 -3.53
N THR B 57 21.87 -17.95 -2.54
CA THR B 57 21.53 -18.60 -1.30
C THR B 57 20.47 -19.69 -1.53
N LEU B 58 19.45 -19.39 -2.33
CA LEU B 58 18.39 -20.38 -2.60
C LEU B 58 18.83 -21.51 -3.54
N ALA B 59 19.81 -21.23 -4.40
CA ALA B 59 20.35 -22.26 -5.30
C ALA B 59 21.23 -23.24 -4.56
N SER B 60 21.83 -22.81 -3.44
CA SER B 60 22.79 -23.59 -2.67
CA SER B 60 22.77 -23.64 -2.69
C SER B 60 22.21 -24.23 -1.41
N ASN B 61 21.04 -23.77 -0.99
CA ASN B 61 20.43 -24.24 0.25
C ASN B 61 18.96 -24.53 0.03
N HIS B 62 18.43 -25.53 0.74
CA HIS B 62 17.01 -25.81 0.69
C HIS B 62 16.28 -25.13 1.85
N TYR B 63 15.44 -24.16 1.53
CA TYR B 63 14.56 -23.56 2.48
C TYR B 63 13.12 -23.76 2.07
N ASP B 64 12.28 -24.02 3.06
CA ASP B 64 10.86 -24.09 2.86
C ASP B 64 10.24 -22.70 2.80
N VAL B 65 10.83 -21.76 3.53
CA VAL B 65 10.32 -20.41 3.68
C VAL B 65 11.47 -19.42 3.67
N VAL B 66 11.29 -18.29 2.99
CA VAL B 66 12.15 -17.12 3.17
C VAL B 66 11.25 -16.02 3.72
N LEU B 67 11.63 -15.51 4.89
CA LEU B 67 10.91 -14.49 5.59
C LEU B 67 11.85 -13.31 5.82
N ALA B 68 11.64 -12.23 5.08
CA ALA B 68 12.49 -11.08 5.14
C ALA B 68 11.93 -10.03 6.09
N ILE B 69 12.79 -9.46 6.91
CA ILE B 69 12.41 -8.46 7.90
C ILE B 69 13.04 -7.14 7.50
N GLY B 70 12.32 -6.04 7.74
CA GLY B 70 12.84 -4.72 7.43
C GLY B 70 12.30 -3.68 8.37
N GLN B 71 13.04 -2.59 8.46
CA GLN B 71 12.65 -1.41 9.20
C GLN B 71 11.63 -0.58 8.41
N ALA B 72 10.53 -0.21 9.05
CA ALA B 72 9.54 0.73 8.50
C ALA B 72 9.45 1.91 9.45
N GLY B 73 10.40 2.85 9.35
CA GLY B 73 10.43 3.98 10.23
C GLY B 73 9.17 4.80 10.12
N GLY B 74 8.52 5.02 11.25
CA GLY B 74 7.30 5.75 11.32
C GLY B 74 6.09 4.87 11.57
N ARG B 75 6.20 3.57 11.31
CA ARG B 75 5.08 2.68 11.61
C ARG B 75 5.02 2.38 13.11
N ASN B 76 3.82 2.16 13.60
CA ASN B 76 3.57 1.94 15.02
C ASN B 76 3.13 0.53 15.33
N ALA B 77 3.35 -0.39 14.41
CA ALA B 77 3.01 -1.79 14.59
C ALA B 77 4.03 -2.67 13.89
N ILE B 78 4.06 -3.95 14.28
CA ILE B 78 4.77 -4.98 13.50
C ILE B 78 3.78 -5.41 12.42
N THR B 79 4.21 -5.37 11.15
CA THR B 79 3.29 -5.56 10.04
C THR B 79 3.78 -6.54 8.99
N PRO B 80 3.23 -7.76 9.01
CA PRO B 80 3.38 -8.64 7.86
C PRO B 80 2.84 -7.93 6.60
N GLU B 81 3.42 -8.24 5.46
CA GLU B 81 3.06 -7.64 4.18
C GLU B 81 2.28 -8.59 3.29
N ARG B 82 1.15 -8.09 2.82
CA ARG B 82 0.31 -8.88 1.92
C ARG B 82 0.90 -9.05 0.53
N VAL B 83 1.51 -7.99 0.01
CA VAL B 83 1.79 -7.93 -1.42
C VAL B 83 3.03 -7.06 -1.74
N ALA B 84 3.72 -7.44 -2.80
CA ALA B 84 4.80 -6.65 -3.36
C ALA B 84 4.40 -6.24 -4.78
N ILE B 85 4.83 -5.05 -5.19
CA ILE B 85 4.52 -4.50 -6.50
CA ILE B 85 4.52 -4.45 -6.46
C ILE B 85 5.78 -4.38 -7.35
N ASN B 86 5.59 -4.51 -8.66
CA ASN B 86 6.69 -4.51 -9.61
C ASN B 86 7.24 -3.14 -9.96
N ILE B 87 7.70 -2.42 -8.96
CA ILE B 87 8.31 -1.12 -9.18
C ILE B 87 9.28 -0.81 -8.06
N ASP B 88 10.41 -0.23 -8.47
CA ASP B 88 11.36 0.39 -7.58
C ASP B 88 11.16 1.91 -7.70
N ASP B 89 11.01 2.59 -6.58
CA ASP B 89 10.86 4.03 -6.61
C ASP B 89 11.47 4.57 -5.32
N ALA B 90 12.78 4.77 -5.40
CA ALA B 90 13.59 5.07 -4.23
C ALA B 90 13.52 6.55 -3.86
N ARG B 91 13.08 6.85 -2.63
CA ARG B 91 13.02 8.23 -2.16
C ARG B 91 14.41 8.82 -1.91
N ILE B 92 15.33 7.95 -1.54
CA ILE B 92 16.72 8.25 -1.30
C ILE B 92 17.55 7.16 -1.99
N PRO B 93 18.85 7.42 -2.18
CA PRO B 93 19.68 6.36 -2.70
C PRO B 93 19.86 5.23 -1.68
N ASP B 94 20.13 4.04 -2.19
CA ASP B 94 20.48 2.91 -1.35
C ASP B 94 21.95 3.05 -0.88
N ASN B 95 22.45 2.03 -0.20
CA ASN B 95 23.79 2.10 0.36
C ASN B 95 24.90 2.09 -0.67
N ASP B 96 24.56 1.78 -1.90
CA ASP B 96 25.50 1.86 -3.01
C ASP B 96 25.35 3.15 -3.81
N ASP B 97 24.56 4.09 -3.27
CA ASP B 97 24.26 5.38 -3.92
C ASP B 97 23.51 5.20 -5.24
N PHE B 98 22.67 4.16 -5.30
CA PHE B 98 21.82 3.87 -6.45
C PHE B 98 20.39 4.22 -6.08
N GLN B 99 19.71 4.96 -6.95
CA GLN B 99 18.38 5.47 -6.67
C GLN B 99 17.46 5.23 -7.87
N PRO B 100 16.97 4.00 -8.02
CA PRO B 100 16.03 3.72 -9.12
C PRO B 100 14.72 4.40 -8.87
N ILE B 101 14.23 5.12 -9.87
CA ILE B 101 12.97 5.86 -9.77
C ILE B 101 12.04 5.40 -10.91
N ASP B 102 10.91 4.85 -10.52
CA ASP B 102 9.88 4.39 -11.44
C ASP B 102 10.40 3.35 -12.42
N GLN B 103 11.17 2.40 -11.86
CA GLN B 103 11.71 1.30 -12.67
C GLN B 103 11.04 -0.02 -12.34
N ALA B 104 10.62 -0.76 -13.36
CA ALA B 104 10.12 -2.12 -13.17
C ALA B 104 11.21 -2.95 -12.52
N ILE B 105 10.83 -3.91 -11.70
CA ILE B 105 11.81 -4.77 -11.05
C ILE B 105 12.17 -5.92 -11.99
N HIS B 106 11.16 -6.64 -12.49
CA HIS B 106 11.36 -7.71 -13.51
C HIS B 106 10.32 -7.48 -14.59
N LEU B 107 10.78 -7.13 -15.80
CA LEU B 107 9.85 -6.80 -16.89
C LEU B 107 8.97 -7.99 -17.28
N ASP B 108 9.49 -9.21 -17.09
CA ASP B 108 8.75 -10.44 -17.33
C ASP B 108 7.97 -10.97 -16.12
N GLY B 109 7.95 -10.23 -15.03
CA GLY B 109 7.22 -10.63 -13.85
C GLY B 109 5.80 -10.08 -13.82
N ALA B 110 5.02 -10.60 -12.88
CA ALA B 110 3.66 -10.13 -12.65
C ALA B 110 3.67 -8.68 -12.09
N PRO B 111 2.59 -7.93 -12.28
CA PRO B 111 2.47 -6.58 -11.73
CA PRO B 111 2.60 -6.57 -11.73
C PRO B 111 2.62 -6.54 -10.21
N ALA B 112 2.23 -7.62 -9.56
CA ALA B 112 2.33 -7.75 -8.11
C ALA B 112 2.37 -9.24 -7.79
N TYR B 113 2.96 -9.56 -6.64
CA TYR B 113 2.95 -10.90 -6.07
C TYR B 113 2.42 -10.81 -4.66
N PHE B 114 1.44 -11.65 -4.36
CA PHE B 114 0.93 -11.80 -3.00
C PHE B 114 1.79 -12.83 -2.27
N SER B 115 2.15 -12.48 -1.04
CA SER B 115 2.85 -13.42 -0.16
C SER B 115 1.98 -14.68 -0.01
N ASN B 116 2.61 -15.84 -0.06
CA ASN B 116 1.92 -17.10 0.12
C ASN B 116 2.16 -17.71 1.49
N LEU B 117 2.59 -16.90 2.44
CA LEU B 117 2.58 -17.29 3.85
C LEU B 117 1.22 -16.87 4.45
N PRO B 118 0.85 -17.45 5.60
CA PRO B 118 -0.43 -17.15 6.24
C PRO B 118 -0.33 -15.82 6.98
N VAL B 119 -0.40 -14.74 6.20
CA VAL B 119 -0.15 -13.41 6.69
C VAL B 119 -1.11 -12.96 7.77
N LYS B 120 -2.37 -13.38 7.71
CA LYS B 120 -3.32 -13.05 8.75
C LYS B 120 -3.06 -13.84 10.04
N ALA B 121 -2.69 -15.11 9.91
CA ALA B 121 -2.32 -15.92 11.07
C ALA B 121 -1.11 -15.25 11.77
N THR B 123 -0.15 -12.01 11.57
CA THR B 123 -0.61 -10.76 12.14
C THR B 123 -1.35 -11.01 13.46
N GLN B 124 -2.27 -11.97 13.44
CA GLN B 124 -3.04 -12.23 14.66
C GLN B 124 -2.17 -12.79 15.77
N SER B 125 -1.15 -13.56 15.43
CA SER B 125 -0.27 -14.11 16.46
CA SER B 125 -0.26 -14.10 16.41
CA SER B 125 -0.24 -14.11 16.43
C SER B 125 0.45 -12.98 17.19
N ILE B 126 0.82 -11.92 16.47
CA ILE B 126 1.44 -10.75 17.10
C ILE B 126 0.45 -10.08 18.05
N ILE B 127 -0.76 -9.86 17.57
CA ILE B 127 -1.83 -9.25 18.36
C ILE B 127 -2.12 -10.08 19.63
N ASN B 128 -2.10 -11.41 19.47
CA ASN B 128 -2.37 -12.32 20.59
C ASN B 128 -1.36 -12.16 21.72
N GLN B 129 -0.15 -11.74 21.41
CA GLN B 129 0.86 -11.45 22.43
C GLN B 129 0.68 -10.12 23.11
N GLY B 130 -0.29 -9.32 22.70
CA GLY B 130 -0.53 -8.01 23.27
C GLY B 130 0.27 -6.91 22.59
N LEU B 131 0.79 -7.20 21.40
CA LEU B 131 1.56 -6.24 20.64
C LEU B 131 0.76 -5.61 19.51
N PRO B 132 1.06 -4.34 19.17
CA PRO B 132 0.43 -3.77 17.99
C PRO B 132 0.89 -4.49 16.73
N GLY B 133 -0.09 -5.00 16.00
CA GLY B 133 0.14 -5.74 14.79
C GLY B 133 -0.91 -5.42 13.79
N ALA B 134 -0.51 -5.38 12.52
CA ALA B 134 -1.47 -5.10 11.45
C ALA B 134 -0.96 -5.71 10.16
N LEU B 135 -1.88 -6.04 9.27
CA LEU B 135 -1.56 -6.55 7.95
C LEU B 135 -1.40 -5.36 7.02
N SER B 136 -0.18 -5.16 6.53
CA SER B 136 0.12 -4.05 5.63
C SER B 136 -0.14 -4.49 4.20
N ASN B 137 -0.64 -3.55 3.42
CA ASN B 137 -0.93 -3.74 2.01
C ASN B 137 0.01 -3.00 1.07
N SER B 138 1.04 -2.36 1.63
CA SER B 138 2.14 -1.84 0.84
C SER B 138 3.43 -1.99 1.63
N ALA B 139 4.40 -2.63 0.97
CA ALA B 139 5.72 -2.80 1.52
C ALA B 139 6.65 -1.66 1.13
N GLY B 140 6.09 -0.56 0.61
CA GLY B 140 6.85 0.56 0.09
C GLY B 140 7.37 0.33 -1.31
N THR B 141 8.33 1.15 -1.70
CA THR B 141 8.91 1.09 -3.03
C THR B 141 10.44 1.16 -2.98
N PHE B 142 10.99 0.73 -1.86
CA PHE B 142 12.43 0.74 -1.61
C PHE B 142 12.95 -0.70 -1.61
N VAL B 143 14.05 -0.95 -0.91
CA VAL B 143 14.70 -2.25 -1.01
C VAL B 143 13.84 -3.37 -0.41
N CYS B 144 13.00 -3.05 0.56
N CYS B 144 13.02 -3.07 0.58
CA CYS B 144 12.13 -4.06 1.18
CA CYS B 144 12.17 -4.09 1.20
C CYS B 144 11.12 -4.61 0.19
C CYS B 144 11.08 -4.61 0.26
N ASN B 145 10.38 -3.72 -0.45
CA ASN B 145 9.43 -4.17 -1.48
C ASN B 145 10.15 -4.93 -2.57
N HIS B 146 11.32 -4.43 -2.96
CA HIS B 146 12.11 -5.08 -3.98
C HIS B 146 12.40 -6.52 -3.64
N THR B 147 12.77 -6.76 -2.39
CA THR B 147 13.11 -8.11 -1.93
C THR B 147 11.89 -9.00 -1.91
N LEU B 148 10.79 -8.51 -1.36
CA LEU B 148 9.57 -9.29 -1.35
C LEU B 148 9.14 -9.63 -2.79
N TYR B 149 9.20 -8.64 -3.69
CA TYR B 149 8.85 -8.85 -5.08
C TYR B 149 9.74 -9.90 -5.71
N HIS B 150 11.04 -9.80 -5.47
CA HIS B 150 11.97 -10.76 -6.08
C HIS B 150 11.71 -12.18 -5.58
N LEU B 151 11.41 -12.33 -4.29
CA LEU B 151 11.03 -13.63 -3.75
C LEU B 151 9.79 -14.16 -4.46
N GLY B 152 8.80 -13.30 -4.67
CA GLY B 152 7.62 -13.69 -5.40
C GLY B 152 7.89 -14.09 -6.83
N TYR B 153 8.79 -13.36 -7.48
CA TYR B 153 9.22 -13.67 -8.82
C TYR B 153 9.92 -15.03 -8.87
N LEU B 154 10.81 -15.29 -7.94
CA LEU B 154 11.48 -16.59 -7.88
C LEU B 154 10.48 -17.72 -7.66
N GLN B 155 9.50 -17.51 -6.78
CA GLN B 155 8.47 -18.52 -6.52
C GLN B 155 7.65 -18.82 -7.78
N ASP B 156 7.34 -17.76 -8.54
CA ASP B 156 6.60 -17.87 -9.79
C ASP B 156 7.41 -18.61 -10.86
N LYS B 157 8.67 -18.19 -11.05
CA LYS B 157 9.41 -18.66 -12.20
C LYS B 157 10.30 -19.87 -11.95
N HIS B 158 10.69 -20.13 -10.70
CA HIS B 158 11.69 -21.18 -10.42
C HIS B 158 11.40 -22.13 -9.27
N TYR B 159 10.76 -21.66 -8.22
CA TYR B 159 10.60 -22.44 -7.00
C TYR B 159 9.16 -22.49 -6.55
N PRO B 160 8.34 -23.29 -7.23
CA PRO B 160 6.90 -23.29 -6.89
C PRO B 160 6.55 -23.72 -5.47
N HIS B 161 7.42 -24.49 -4.84
CA HIS B 161 7.12 -24.95 -3.50
C HIS B 161 7.58 -24.00 -2.38
N LEU B 162 8.27 -22.93 -2.75
CA LEU B 162 8.75 -21.98 -1.76
C LEU B 162 7.61 -21.13 -1.22
N ARG B 163 7.64 -20.88 0.08
CA ARG B 163 6.77 -19.90 0.67
C ARG B 163 7.63 -18.71 1.06
N PHE B 164 7.07 -17.52 0.94
CA PHE B 164 7.84 -16.32 1.12
C PHE B 164 6.98 -15.19 1.70
N GLY B 165 7.62 -14.29 2.42
CA GLY B 165 6.90 -13.16 2.96
C GLY B 165 7.86 -12.11 3.51
N PHE B 166 7.27 -11.05 4.07
CA PHE B 166 8.00 -9.91 4.58
C PHE B 166 7.29 -9.39 5.80
N ILE B 167 8.06 -9.04 6.82
CA ILE B 167 7.51 -8.34 7.97
C ILE B 167 8.30 -7.06 8.21
N HIS B 168 7.61 -5.93 8.22
CA HIS B 168 8.20 -4.66 8.62
C HIS B 168 8.02 -4.48 10.13
N VAL B 169 9.02 -3.82 10.72
CA VAL B 169 9.04 -3.52 12.14
C VAL B 169 9.28 -2.03 12.34
N PRO B 170 8.80 -1.47 13.46
CA PRO B 170 9.07 -0.07 13.74
C PRO B 170 10.51 0.25 14.04
N TYR B 171 10.82 1.53 14.02
CA TYR B 171 12.04 2.01 14.69
C TYR B 171 12.09 1.53 16.14
N ILE B 172 13.30 1.34 16.67
CA ILE B 172 13.48 1.17 18.12
C ILE B 172 13.72 2.57 18.73
N PRO B 173 13.56 2.73 20.05
CA PRO B 173 13.60 4.05 20.64
C PRO B 173 14.92 4.82 20.44
N GLU B 174 16.03 4.12 20.34
CA GLU B 174 17.31 4.81 20.10
C GLU B 174 17.40 5.48 18.73
N GLN B 175 16.48 5.15 17.82
CA GLN B 175 16.45 5.75 16.53
C GLN B 175 15.55 7.00 16.42
N VAL B 176 14.80 7.32 17.49
CA VAL B 176 13.84 8.42 17.45
C VAL B 176 14.11 9.48 18.52
N ILE B 177 15.35 9.55 19.01
CA ILE B 177 15.70 10.55 20.03
C ILE B 177 15.55 11.92 19.39
N GLY B 178 14.75 12.77 20.02
CA GLY B 178 14.50 14.10 19.51
C GLY B 178 13.43 14.15 18.44
N LYS B 179 12.81 13.01 18.13
CA LYS B 179 11.68 12.90 17.22
C LYS B 179 10.48 12.35 18.00
N PRO B 180 9.93 13.12 18.94
CA PRO B 180 8.84 12.61 19.78
C PRO B 180 7.51 12.29 19.09
N ASP B 181 7.27 12.76 17.87
CA ASP B 181 6.03 12.42 17.17
C ASP B 181 6.23 11.18 16.29
N THR B 182 7.39 10.54 16.40
CA THR B 182 7.68 9.35 15.60
C THR B 182 7.58 8.09 16.49
N PRO B 183 6.68 7.16 16.11
CA PRO B 183 6.57 6.00 16.98
CA PRO B 183 6.50 5.90 16.83
C PRO B 183 7.76 5.06 16.90
N SER B 184 7.89 4.26 17.94
CA SER B 184 8.97 3.28 18.05
C SER B 184 8.46 2.13 18.90
N PRO B 186 10.22 -0.99 21.59
CA PRO B 186 11.44 -1.59 22.13
C PRO B 186 11.85 -2.86 21.42
N LEU B 187 13.16 -3.04 21.24
CA LEU B 187 13.66 -4.18 20.51
C LEU B 187 13.13 -5.50 21.03
N GLU B 188 13.09 -5.67 22.35
N GLU B 188 13.08 -5.66 22.35
CA GLU B 188 12.63 -6.96 22.87
CA GLU B 188 12.62 -6.92 22.93
C GLU B 188 11.19 -7.28 22.51
C GLU B 188 11.20 -7.27 22.51
N LYS B 189 10.36 -6.25 22.34
CA LYS B 189 9.01 -6.45 21.89
C LYS B 189 8.96 -6.82 20.42
N ILE B 190 9.82 -6.19 19.61
CA ILE B 190 9.93 -6.59 18.21
C ILE B 190 10.30 -8.08 18.12
N VAL B 191 11.30 -8.49 18.90
CA VAL B 191 11.74 -9.89 18.87
C VAL B 191 10.58 -10.83 19.26
N ALA B 192 9.83 -10.46 20.29
CA ALA B 192 8.68 -11.26 20.70
C ALA B 192 7.62 -11.35 19.60
N GLY B 193 7.37 -10.25 18.91
CA GLY B 193 6.39 -10.26 17.85
C GLY B 193 6.82 -11.08 16.67
N LEU B 194 8.08 -10.95 16.26
CA LEU B 194 8.58 -11.77 15.15
C LEU B 194 8.50 -13.26 15.51
N THR B 195 8.83 -13.57 16.76
CA THR B 195 8.80 -14.95 17.23
C THR B 195 7.37 -15.50 17.09
N ALA B 196 6.39 -14.71 17.54
CA ALA B 196 4.99 -15.11 17.45
C ALA B 196 4.54 -15.29 16.00
N ALA B 197 4.97 -14.38 15.11
CA ALA B 197 4.62 -14.49 13.71
C ALA B 197 5.18 -15.78 13.14
N ILE B 198 6.42 -16.11 13.46
CA ILE B 198 7.05 -17.32 12.90
C ILE B 198 6.36 -18.58 13.42
N GLU B 199 5.96 -18.55 14.69
CA GLU B 199 5.26 -19.69 15.30
C GLU B 199 3.98 -20.00 14.55
N ALA B 200 3.35 -18.99 13.95
CA ALA B 200 2.09 -19.16 13.25
C ALA B 200 2.27 -19.64 11.84
N ILE B 201 3.50 -19.74 11.36
CA ILE B 201 3.73 -20.26 10.00
C ILE B 201 3.52 -21.77 9.87
N SER B 202 2.79 -22.13 8.82
CA SER B 202 2.54 -23.50 8.48
C SER B 202 2.15 -23.52 7.01
N ASN B 203 1.86 -24.71 6.53
CA ASN B 203 1.37 -24.92 5.17
C ASN B 203 -0.15 -24.91 5.08
N ASP B 204 -0.83 -24.57 6.16
CA ASP B 204 -2.27 -24.57 6.19
C ASP B 204 -2.82 -23.27 5.62
N GLU B 205 -4.09 -23.31 5.29
CA GLU B 205 -4.79 -22.14 4.79
C GLU B 205 -4.68 -21.01 5.81
N ASP B 206 -4.54 -19.78 5.33
CA ASP B 206 -4.51 -18.63 6.19
C ASP B 206 -5.86 -18.42 6.87
N LEU B 207 -5.84 -17.71 7.98
CA LEU B 207 -7.02 -17.22 8.60
C LEU B 207 -7.65 -16.18 7.67
N HIS B 208 -8.96 -16.00 7.81
CA HIS B 208 -9.72 -14.98 7.10
C HIS B 208 -10.44 -14.06 8.08
N LEU B 209 -9.68 -13.60 9.05
CA LEU B 209 -10.18 -12.67 10.05
C LEU B 209 -10.32 -11.28 9.43
N ALA B 210 -11.02 -10.40 10.14
CA ALA B 210 -11.30 -9.07 9.62
C ALA B 210 -10.11 -8.13 9.93
N LEU B 211 -9.03 -8.35 9.20
CA LEU B 211 -7.77 -7.63 9.33
C LEU B 211 -7.48 -6.75 8.11
N GLY B 212 -8.49 -6.52 7.28
CA GLY B 212 -8.36 -5.55 6.17
C GLY B 212 -8.24 -4.11 6.65
N THR B 213 -8.12 -3.22 5.66
N THR B 213 -7.91 -3.16 5.78
CA THR B 213 -8.01 -1.77 5.90
CA THR B 213 -7.59 -1.81 6.30
C THR B 213 -8.90 -0.93 4.98
C THR B 213 -8.78 -0.83 6.52
N THR B 214 -9.39 0.18 5.51
N THR B 214 -8.51 0.16 7.37
CA THR B 214 -10.20 1.08 4.69
CA THR B 214 -9.49 1.13 7.91
C THR B 214 -9.31 2.18 4.12
C THR B 214 -10.36 2.03 7.03
N GLU B 215 -8.03 2.11 4.48
N GLU B 215 -9.72 3.02 6.41
CA GLU B 215 -7.04 3.03 3.94
CA GLU B 215 -10.34 4.17 5.67
C GLU B 215 -5.66 2.48 4.27
C GLU B 215 -11.66 4.81 6.22
#